data_3LIV
#
_entry.id   3LIV
#
_cell.length_a   77.772
_cell.length_b   77.772
_cell.length_c   162.972
_cell.angle_alpha   90.00
_cell.angle_beta   90.00
_cell.angle_gamma   120.00
#
_symmetry.space_group_name_H-M   'P 63 2 2'
#
loop_
_entity.id
_entity.type
_entity.pdbx_description
1 polymer Protease
2 non-polymer '(4R)-3-[(2S,3S)-3-[[(2S)-2-[[(2S)-2-azanyl-2-phenyl-ethanoyl]amino]-3,3-dimethyl-butanoyl]amino]-2-hydroxy-4-phenyl-but anoyl]-N-[(2R)-3,3-dimethylbutan-2-yl]-5,5-dimethyl-1,3-thiazolidine-4-carboxamide'
3 water water
#
_entity_poly.entity_id   1
_entity_poly.type   'polypeptide(L)'
_entity_poly.pdbx_seq_one_letter_code
;PVIPLDPARRPVIKAQVDTQTSHPKTIEALLDTGADMTVIPIALFSSNTPLKNTSVLGAGGQTQDHFKLTSLPVLIRLPF
RTTPIVLTSCLVDTKNNWAIIGRDALQQCQGVLYLP
;
_entity_poly.pdbx_strand_id   A,B
#
loop_
_chem_comp.id
_chem_comp.type
_chem_comp.name
_chem_comp.formula
E16 peptide-like '(4R)-3-[(2S,3S)-3-[[(2S)-2-[[(2S)-2-azanyl-2-phenyl-ethanoyl]amino]-3,3-dimethyl-butanoyl]amino]-2-hydroxy-4-phenyl-but anoyl]-N-[(2R)-3,3-dimethylbutan-2-yl]-5,5-dimethyl-1,3-thiazolidine-4-carboxamide' 'C36 H53 N5 O5 S'
#
# COMPACT_ATOMS: atom_id res chain seq x y z
N PRO A 1 3.54 -4.47 -17.86
CA PRO A 1 3.09 -3.26 -18.69
C PRO A 1 3.37 -2.02 -17.86
N VAL A 2 3.08 -0.85 -18.42
CA VAL A 2 3.17 0.41 -17.68
C VAL A 2 1.79 0.72 -17.08
N ILE A 3 1.73 0.75 -15.75
CA ILE A 3 0.47 0.99 -15.03
C ILE A 3 0.47 2.39 -14.42
N PRO A 4 -0.31 3.33 -15.02
CA PRO A 4 -0.33 4.71 -14.54
C PRO A 4 -0.90 4.73 -13.14
N LEU A 5 -0.60 5.80 -12.40
CA LEU A 5 -1.06 5.90 -11.02
C LEU A 5 -2.00 7.09 -10.86
N ASP A 6 -3.14 6.87 -10.20
CA ASP A 6 -4.28 7.77 -10.28
C ASP A 6 -5.04 7.50 -9.02
N PRO A 7 -5.28 8.54 -8.20
CA PRO A 7 -5.92 8.27 -6.89
C PRO A 7 -7.39 7.74 -6.99
N ALA A 8 -8.07 7.96 -8.11
CA ALA A 8 -9.46 7.52 -8.27
C ALA A 8 -9.63 6.12 -8.86
N ARG A 9 -8.57 5.55 -9.45
CA ARG A 9 -8.57 4.18 -9.98
C ARG A 9 -7.51 3.39 -9.27
N ARG A 10 -7.92 2.49 -8.39
CA ARG A 10 -7.03 1.53 -7.75
C ARG A 10 -6.30 0.70 -8.79
N PRO A 11 -4.98 0.52 -8.64
CA PRO A 11 -4.24 -0.23 -9.66
C PRO A 11 -4.42 -1.76 -9.52
N VAL A 12 -5.17 -2.36 -10.42
CA VAL A 12 -5.46 -3.78 -10.28
C VAL A 12 -4.97 -4.62 -11.46
N ILE A 13 -4.91 -5.92 -11.18
CA ILE A 13 -4.49 -6.94 -12.13
C ILE A 13 -5.29 -8.22 -11.87
N LYS A 14 -5.52 -9.00 -12.90
CA LYS A 14 -6.21 -10.27 -12.73
C LYS A 14 -5.12 -11.25 -12.47
N ALA A 15 -5.25 -12.00 -11.40
CA ALA A 15 -4.20 -12.94 -11.05
C ALA A 15 -4.83 -14.31 -10.82
N GLN A 16 -4.16 -15.36 -11.28
CA GLN A 16 -4.64 -16.73 -11.01
C GLN A 16 -3.91 -17.29 -9.80
N VAL A 17 -4.64 -17.52 -8.71
CA VAL A 17 -4.03 -17.89 -7.44
C VAL A 17 -4.25 -19.36 -7.12
N ASP A 18 -3.15 -20.11 -6.96
CA ASP A 18 -3.18 -21.53 -6.56
C ASP A 18 -2.74 -21.68 -5.11
N THR A 19 -3.72 -21.83 -4.21
CA THR A 19 -3.45 -22.06 -2.76
C THR A 19 -2.88 -23.45 -2.46
N GLN A 20 -2.98 -24.37 -3.44
CA GLN A 20 -2.65 -25.79 -3.29
C GLN A 20 -3.58 -26.49 -2.30
N THR A 21 -4.74 -25.91 -2.08
CA THR A 21 -5.73 -26.48 -1.17
C THR A 21 -7.07 -26.71 -1.88
N SER A 22 -7.18 -26.19 -3.12
CA SER A 22 -8.33 -26.41 -4.03
C SER A 22 -8.04 -25.84 -5.42
N HIS A 23 -8.96 -26.03 -6.37
CA HIS A 23 -8.77 -25.54 -7.75
C HIS A 23 -8.26 -24.11 -7.74
N PRO A 24 -7.23 -23.79 -8.57
CA PRO A 24 -6.77 -22.41 -8.78
C PRO A 24 -7.92 -21.56 -9.23
N LYS A 25 -7.90 -20.27 -8.89
CA LYS A 25 -8.92 -19.32 -9.34
C LYS A 25 -8.32 -17.98 -9.77
N THR A 26 -8.89 -17.37 -10.81
CA THR A 26 -8.51 -16.02 -11.19
C THR A 26 -9.31 -15.00 -10.38
N ILE A 27 -8.61 -14.05 -9.78
CA ILE A 27 -9.22 -13.00 -8.98
C ILE A 27 -8.61 -11.67 -9.38
N GLU A 28 -9.33 -10.59 -9.06
CA GLU A 28 -8.84 -9.23 -9.24
C GLU A 28 -8.03 -8.83 -8.01
N ALA A 29 -6.81 -8.35 -8.20
CA ALA A 29 -5.98 -8.00 -7.04
C ALA A 29 -5.35 -6.62 -7.16
N LEU A 30 -5.25 -5.92 -6.04
CA LEU A 30 -4.60 -4.59 -5.96
C LEU A 30 -3.08 -4.71 -5.99
N LEU A 31 -2.44 -3.85 -6.78
CA LEU A 31 -0.99 -3.80 -6.85
C LEU A 31 -0.44 -2.80 -5.83
N ASP A 32 0.30 -3.30 -4.84
CA ASP A 32 0.50 -2.54 -3.63
C ASP A 32 1.95 -2.50 -3.14
N THR A 33 2.66 -1.44 -3.54
CA THR A 33 4.05 -1.26 -3.12
C THR A 33 4.19 -1.05 -1.62
N GLY A 34 3.09 -0.81 -0.91
CA GLY A 34 3.11 -0.53 0.53
C GLY A 34 2.93 -1.80 1.34
N ALA A 35 2.61 -2.89 0.65
CA ALA A 35 2.34 -4.17 1.29
C ALA A 35 3.59 -5.02 1.24
N ASP A 36 4.10 -5.40 2.42
CA ASP A 36 5.22 -6.33 2.60
C ASP A 36 4.91 -7.70 2.03
N MET A 37 3.64 -8.10 2.13
CA MET A 37 3.30 -9.49 1.91
C MET A 37 1.98 -9.55 1.21
N THR A 38 1.87 -10.46 0.25
CA THR A 38 0.59 -10.62 -0.46
C THR A 38 -0.54 -11.07 0.45
N VAL A 39 -1.75 -10.59 0.19
CA VAL A 39 -2.99 -10.99 0.89
C VAL A 39 -3.94 -11.71 -0.09
N ILE A 40 -4.39 -12.92 0.29
CA ILE A 40 -5.32 -13.74 -0.49
C ILE A 40 -6.56 -13.97 0.35
N PRO A 41 -7.79 -13.86 -0.24
CA PRO A 41 -9.04 -14.06 0.51
C PRO A 41 -9.22 -15.51 0.92
N ILE A 42 -9.72 -15.73 2.13
CA ILE A 42 -9.94 -17.08 2.63
C ILE A 42 -10.82 -17.99 1.72
N ALA A 43 -11.70 -17.38 0.92
CA ALA A 43 -12.55 -18.10 -0.03
C ALA A 43 -11.78 -19.01 -0.98
N LEU A 44 -10.50 -18.71 -1.24
CA LEU A 44 -9.68 -19.54 -2.17
C LEU A 44 -9.01 -20.77 -1.52
N PHE A 45 -9.41 -21.08 -0.29
CA PHE A 45 -8.86 -22.19 0.48
C PHE A 45 -10.00 -23.15 0.82
N SER A 46 -9.67 -24.43 1.04
CA SER A 46 -10.64 -25.40 1.56
C SER A 46 -10.92 -25.11 3.03
N SER A 47 -12.13 -25.40 3.48
CA SER A 47 -12.48 -25.24 4.90
C SER A 47 -11.59 -26.09 5.82
N ASN A 48 -11.04 -27.16 5.25
CA ASN A 48 -10.15 -28.11 5.95
C ASN A 48 -8.80 -27.58 6.45
N THR A 49 -8.22 -26.61 5.72
CA THR A 49 -6.77 -26.33 5.82
C THR A 49 -6.28 -25.55 7.03
N PRO A 50 -5.17 -26.04 7.62
CA PRO A 50 -4.46 -25.39 8.70
C PRO A 50 -3.90 -24.02 8.27
N LEU A 51 -4.26 -22.98 9.03
CA LEU A 51 -3.69 -21.65 8.86
C LEU A 51 -3.14 -21.20 10.20
N LYS A 52 -2.08 -20.38 10.17
CA LYS A 52 -1.43 -19.92 11.38
C LYS A 52 -1.94 -18.52 11.81
N ASN A 53 -2.23 -18.35 13.10
CA ASN A 53 -2.55 -17.04 13.68
C ASN A 53 -1.43 -16.03 13.48
N THR A 54 -1.79 -14.79 13.19
CA THR A 54 -0.82 -13.72 12.96
C THR A 54 -1.40 -12.36 13.37
N SER A 55 -0.53 -11.46 13.81
CA SER A 55 -0.93 -10.12 14.15
C SER A 55 -0.46 -9.22 13.03
N VAL A 56 -1.35 -8.32 12.60
CA VAL A 56 -1.08 -7.39 11.50
C VAL A 56 -1.34 -5.93 11.88
N LEU A 57 -0.35 -5.07 11.66
CA LEU A 57 -0.49 -3.61 11.82
C LEU A 57 -0.76 -2.93 10.45
N GLY A 58 -1.86 -2.19 10.35
CA GLY A 58 -2.17 -1.48 9.12
C GLY A 58 -2.92 -0.21 9.48
N ALA A 59 -3.15 0.66 8.51
CA ALA A 59 -3.79 1.96 8.74
C ALA A 59 -4.86 1.93 9.81
N GLY A 60 -5.69 0.89 9.83
CA GLY A 60 -6.75 0.86 10.86
C GLY A 60 -6.37 0.45 12.29
N GLY A 61 -5.08 0.31 12.60
CA GLY A 61 -4.61 -0.23 13.88
C GLY A 61 -4.19 -1.70 13.83
N GLN A 62 -4.11 -2.33 15.00
CA GLN A 62 -3.59 -3.68 15.16
C GLN A 62 -4.71 -4.70 15.12
N THR A 63 -4.48 -5.84 14.46
CA THR A 63 -5.48 -6.91 14.45
C THR A 63 -4.89 -8.33 14.69
N GLN A 64 -5.37 -9.00 15.72
CA GLN A 64 -4.93 -10.38 16.05
C GLN A 64 -5.61 -11.44 15.20
N ASP A 65 -6.84 -11.17 14.77
CA ASP A 65 -7.76 -12.22 14.33
C ASP A 65 -8.21 -12.09 12.88
N HIS A 66 -7.97 -10.94 12.29
CA HIS A 66 -8.45 -10.66 10.96
C HIS A 66 -7.65 -11.35 9.86
N PHE A 67 -6.33 -11.49 10.04
CA PHE A 67 -5.51 -12.17 9.05
C PHE A 67 -4.91 -13.47 9.59
N LYS A 68 -4.71 -14.46 8.71
CA LYS A 68 -3.99 -15.70 9.07
C LYS A 68 -2.81 -15.86 8.14
N LEU A 69 -1.82 -16.63 8.57
CA LEU A 69 -0.64 -16.94 7.75
C LEU A 69 -0.91 -18.33 7.11
N THR A 70 -0.51 -18.53 5.84
CA THR A 70 -0.71 -19.84 5.17
C THR A 70 0.24 -20.91 5.66
N SER A 71 -0.12 -22.16 5.39
CA SER A 71 0.75 -23.31 5.70
C SER A 71 1.50 -23.87 4.49
N LEU A 72 0.89 -23.80 3.30
CA LEU A 72 1.55 -24.22 2.05
C LEU A 72 1.90 -23.01 1.21
N PRO A 73 2.99 -23.09 0.41
CA PRO A 73 3.24 -22.03 -0.56
C PRO A 73 2.04 -21.73 -1.45
N VAL A 74 1.99 -20.53 -2.02
CA VAL A 74 0.88 -20.17 -2.88
C VAL A 74 1.53 -19.90 -4.21
N LEU A 75 0.93 -20.40 -5.29
CA LEU A 75 1.43 -20.11 -6.66
C LEU A 75 0.52 -19.08 -7.34
N ILE A 76 1.11 -18.03 -7.92
CA ILE A 76 0.38 -16.96 -8.60
C ILE A 76 0.80 -16.76 -10.06
N ARG A 77 -0.13 -16.84 -11.00
CA ARG A 77 0.23 -16.58 -12.39
C ARG A 77 -0.39 -15.30 -12.84
N LEU A 78 0.45 -14.42 -13.38
CA LEU A 78 -0.01 -13.16 -13.93
C LEU A 78 -0.21 -13.25 -15.44
N PRO A 79 -1.23 -12.56 -15.98
CA PRO A 79 -1.70 -12.75 -17.36
C PRO A 79 -0.63 -12.73 -18.48
N PHE A 80 0.50 -12.08 -18.22
CA PHE A 80 1.58 -11.97 -19.23
C PHE A 80 2.74 -12.97 -19.08
N ARG A 81 3.21 -13.18 -17.86
CA ARG A 81 4.39 -14.04 -17.63
C ARG A 81 4.01 -15.51 -17.48
N THR A 82 4.77 -16.38 -18.16
CA THR A 82 4.48 -17.81 -18.17
C THR A 82 4.90 -18.52 -16.87
N THR A 83 5.93 -18.03 -16.19
CA THR A 83 6.38 -18.67 -14.94
C THR A 83 5.71 -18.12 -13.66
N PRO A 84 5.15 -19.05 -12.84
CA PRO A 84 4.43 -18.68 -11.62
C PRO A 84 5.32 -18.07 -10.54
N ILE A 85 4.84 -17.00 -9.94
CA ILE A 85 5.36 -16.49 -8.67
C ILE A 85 5.06 -17.57 -7.64
N VAL A 86 6.01 -17.81 -6.74
CA VAL A 86 5.86 -18.84 -5.73
C VAL A 86 6.11 -18.15 -4.43
N LEU A 87 5.11 -18.07 -3.54
CA LEU A 87 5.32 -17.44 -2.24
C LEU A 87 5.29 -18.47 -1.14
N THR A 88 6.40 -18.60 -0.43
CA THR A 88 6.55 -19.53 0.66
C THR A 88 5.45 -19.47 1.71
N SER A 89 4.90 -18.28 1.89
CA SER A 89 3.88 -18.00 2.88
CA SER A 89 3.92 -17.98 2.91
C SER A 89 3.37 -16.62 2.57
N CYS A 90 2.07 -16.45 2.71
CA CYS A 90 1.47 -15.16 2.54
C CYS A 90 0.23 -15.05 3.41
N LEU A 91 -0.33 -13.84 3.51
CA LEU A 91 -1.41 -13.57 4.43
C LEU A 91 -2.73 -13.97 3.84
N VAL A 92 -3.67 -14.30 4.72
CA VAL A 92 -5.02 -14.70 4.34
C VAL A 92 -6.05 -13.80 5.02
N ASP A 93 -6.95 -13.23 4.22
CA ASP A 93 -8.01 -12.39 4.74
C ASP A 93 -9.18 -13.26 5.13
N THR A 94 -9.37 -13.43 6.44
CA THR A 94 -10.44 -14.30 6.97
C THR A 94 -11.82 -13.62 6.89
N LYS A 95 -11.83 -12.36 6.52
CA LYS A 95 -13.10 -11.63 6.47
C LYS A 95 -13.33 -11.02 5.09
N ASN A 96 -13.48 -9.69 5.10
CA ASN A 96 -13.95 -8.85 3.97
C ASN A 96 -13.30 -8.98 2.60
N ASN A 97 -12.61 -10.08 2.33
CA ASN A 97 -12.15 -10.33 0.99
C ASN A 97 -11.27 -9.18 0.42
N TRP A 98 -9.98 -9.27 0.65
CA TRP A 98 -9.04 -8.37 0.04
C TRP A 98 -8.10 -9.26 -0.77
N ALA A 99 -7.64 -8.76 -1.91
CA ALA A 99 -6.65 -9.47 -2.71
C ALA A 99 -5.67 -8.41 -3.08
N ILE A 100 -4.48 -8.54 -2.51
CA ILE A 100 -3.46 -7.53 -2.53
C ILE A 100 -2.19 -8.21 -2.90
N ILE A 101 -1.64 -7.81 -4.05
CA ILE A 101 -0.34 -8.29 -4.48
CA ILE A 101 -0.34 -8.26 -4.53
C ILE A 101 0.70 -7.32 -3.94
N GLY A 102 1.53 -7.81 -3.02
CA GLY A 102 2.56 -7.02 -2.34
C GLY A 102 3.98 -7.28 -2.87
N ARG A 103 4.97 -6.79 -2.14
CA ARG A 103 6.33 -6.71 -2.68
C ARG A 103 6.97 -8.08 -2.77
N ASP A 104 6.53 -9.02 -1.94
CA ASP A 104 6.99 -10.40 -2.11
C ASP A 104 6.75 -10.84 -3.58
N ALA A 105 5.51 -10.70 -4.04
CA ALA A 105 5.13 -11.05 -5.40
C ALA A 105 5.80 -10.14 -6.42
N LEU A 106 5.77 -8.83 -6.17
CA LEU A 106 6.26 -7.84 -7.13
C LEU A 106 7.79 -7.97 -7.35
N GLN A 107 8.52 -8.39 -6.33
CA GLN A 107 9.95 -8.64 -6.52
C GLN A 107 10.19 -9.72 -7.57
N GLN A 108 9.44 -10.83 -7.47
CA GLN A 108 9.54 -11.95 -8.41
C GLN A 108 9.14 -11.65 -9.87
N CYS A 109 8.33 -10.60 -10.10
CA CYS A 109 8.02 -10.13 -11.48
C CYS A 109 9.04 -9.20 -12.06
N GLN A 110 10.11 -8.93 -11.33
CA GLN A 110 10.95 -7.74 -11.54
C GLN A 110 10.09 -6.47 -11.59
N GLY A 111 9.12 -6.36 -10.70
CA GLY A 111 8.34 -5.12 -10.58
C GLY A 111 9.19 -3.96 -10.07
N VAL A 112 8.95 -2.78 -10.64
CA VAL A 112 9.57 -1.52 -10.21
C VAL A 112 8.55 -0.36 -10.18
N LEU A 113 8.86 0.67 -9.38
CA LEU A 113 8.20 1.99 -9.49
C LEU A 113 9.07 2.90 -10.32
N TYR A 114 8.51 3.60 -11.28
CA TYR A 114 9.29 4.65 -11.94
C TYR A 114 8.76 6.03 -11.61
N LEU A 115 9.66 6.90 -11.14
CA LEU A 115 9.36 8.32 -10.94
C LEU A 115 10.32 9.14 -11.77
N PRO A 116 9.82 9.78 -12.84
CA PRO A 116 10.66 10.42 -13.87
C PRO A 116 11.81 11.31 -13.33
N PRO B 1 13.94 8.43 -10.41
CA PRO B 1 14.70 7.19 -10.59
C PRO B 1 13.81 5.94 -10.62
N VAL B 2 14.43 4.80 -10.92
CA VAL B 2 13.78 3.51 -10.85
C VAL B 2 13.98 2.95 -9.46
N ILE B 3 12.87 2.62 -8.79
CA ILE B 3 12.85 2.07 -7.43
C ILE B 3 12.52 0.57 -7.46
N PRO B 4 13.52 -0.28 -7.13
CA PRO B 4 13.25 -1.71 -7.14
C PRO B 4 12.33 -2.06 -5.96
N LEU B 5 11.70 -3.22 -6.04
CA LEU B 5 10.73 -3.64 -5.02
C LEU B 5 11.17 -4.91 -4.33
N ASP B 6 11.28 -4.83 -3.01
CA ASP B 6 11.83 -5.90 -2.20
C ASP B 6 10.94 -6.00 -0.98
N PRO B 7 10.49 -7.21 -0.62
CA PRO B 7 9.59 -7.33 0.56
C PRO B 7 10.28 -6.95 1.87
N ALA B 8 11.58 -7.25 1.95
CA ALA B 8 12.43 -7.00 3.12
C ALA B 8 12.70 -5.49 3.35
N ARG B 9 12.49 -4.67 2.32
CA ARG B 9 12.89 -3.28 2.32
C ARG B 9 11.76 -2.36 1.84
N ARG B 10 11.07 -1.67 2.76
CA ARG B 10 10.09 -0.61 2.41
C ARG B 10 10.66 0.38 1.37
N PRO B 11 9.95 0.60 0.24
CA PRO B 11 10.44 1.64 -0.69
C PRO B 11 10.18 3.04 -0.09
N VAL B 12 11.25 3.74 0.27
CA VAL B 12 11.11 5.03 0.96
C VAL B 12 11.67 6.18 0.14
N ILE B 13 11.29 7.40 0.50
CA ILE B 13 11.82 8.57 -0.17
C ILE B 13 11.93 9.75 0.82
N LYS B 14 12.92 10.62 0.63
CA LYS B 14 13.06 11.85 1.41
C LYS B 14 12.19 12.92 0.78
N ALA B 15 11.13 13.32 1.47
CA ALA B 15 10.21 14.28 0.92
C ALA B 15 10.25 15.47 1.86
N GLN B 16 10.19 16.67 1.31
CA GLN B 16 10.09 17.84 2.14
C GLN B 16 8.67 18.36 2.11
N VAL B 17 8.02 18.39 3.27
CA VAL B 17 6.59 18.70 3.32
C VAL B 17 6.29 20.06 3.92
N ASP B 18 5.56 20.88 3.18
CA ASP B 18 5.11 22.16 3.66
C ASP B 18 3.62 22.08 3.95
N THR B 19 3.26 22.07 5.23
CA THR B 19 1.83 22.04 5.61
C THR B 19 1.21 23.43 5.58
N GLN B 20 2.05 24.46 5.42
CA GLN B 20 1.64 25.87 5.36
C GLN B 20 1.28 26.49 6.73
N THR B 21 1.52 25.73 7.81
CA THR B 21 1.20 26.07 9.19
C THR B 21 2.43 26.13 10.09
N SER B 22 3.59 25.74 9.57
CA SER B 22 4.91 26.02 10.17
C SER B 22 5.92 25.74 9.08
N HIS B 23 7.21 25.86 9.37
CA HIS B 23 8.20 25.73 8.30
C HIS B 23 8.21 24.32 7.69
N PRO B 24 8.59 24.20 6.39
CA PRO B 24 8.75 22.87 5.72
C PRO B 24 9.79 21.98 6.41
N LYS B 25 9.55 20.68 6.39
CA LYS B 25 10.36 19.71 7.09
C LYS B 25 10.53 18.48 6.21
N THR B 26 11.71 17.85 6.30
CA THR B 26 12.02 16.60 5.59
C THR B 26 11.48 15.42 6.37
N ILE B 27 10.93 14.45 5.66
CA ILE B 27 10.48 13.22 6.26
C ILE B 27 10.81 12.09 5.34
N GLU B 28 10.90 10.88 5.87
CA GLU B 28 11.08 9.72 5.03
C GLU B 28 9.70 9.11 4.84
N ALA B 29 9.27 9.05 3.59
CA ALA B 29 7.91 8.60 3.31
C ALA B 29 7.88 7.26 2.55
N LEU B 30 6.84 6.46 2.79
CA LEU B 30 6.68 5.15 2.17
C LEU B 30 5.98 5.32 0.84
N LEU B 31 6.61 4.89 -0.25
CA LEU B 31 6.00 5.01 -1.58
C LEU B 31 4.93 3.93 -1.74
N ASP B 32 3.67 4.33 -1.69
CA ASP B 32 2.59 3.34 -1.55
C ASP B 32 1.45 3.41 -2.58
N THR B 33 1.47 2.49 -3.54
CA THR B 33 0.54 2.47 -4.66
C THR B 33 -0.83 1.94 -4.27
N GLY B 34 -0.94 1.42 -3.05
CA GLY B 34 -2.24 0.97 -2.51
C GLY B 34 -2.90 2.02 -1.63
N ALA B 35 -2.26 3.18 -1.47
CA ALA B 35 -2.85 4.30 -0.73
C ALA B 35 -3.55 5.29 -1.68
N ASP B 36 -4.84 5.52 -1.46
CA ASP B 36 -5.62 6.50 -2.24
C ASP B 36 -5.13 7.93 -2.00
N MET B 37 -4.73 8.18 -0.77
CA MET B 37 -4.44 9.52 -0.37
C MET B 37 -3.16 9.47 0.41
N THR B 38 -2.36 10.52 0.31
CA THR B 38 -1.13 10.64 1.06
C THR B 38 -1.43 10.84 2.54
N VAL B 39 -0.55 10.32 3.40
CA VAL B 39 -0.65 10.45 4.86
C VAL B 39 0.61 11.13 5.35
N ILE B 40 0.46 12.14 6.22
CA ILE B 40 1.60 12.77 6.84
C ILE B 40 1.43 12.84 8.34
N PRO B 41 2.54 12.84 9.09
CA PRO B 41 2.46 12.87 10.58
C PRO B 41 1.85 14.14 11.14
N ILE B 42 1.22 14.08 12.31
CA ILE B 42 0.77 15.27 13.04
C ILE B 42 1.94 16.14 13.56
N ALA B 43 3.11 15.52 13.71
CA ALA B 43 4.34 16.16 14.21
C ALA B 43 4.78 17.33 13.34
N LEU B 44 4.39 17.32 12.06
CA LEU B 44 4.61 18.45 11.14
C LEU B 44 3.79 19.71 11.45
N PHE B 45 2.60 19.52 12.02
CA PHE B 45 1.66 20.61 12.23
C PHE B 45 1.87 21.28 13.56
N SER B 46 1.22 22.43 13.74
CA SER B 46 1.25 23.13 15.03
C SER B 46 0.04 22.78 15.93
N SER B 47 0.28 22.79 17.25
CA SER B 47 -0.78 22.49 18.25
C SER B 47 -2.11 23.23 18.01
N ASN B 48 -2.03 24.42 17.44
CA ASN B 48 -3.19 25.14 16.95
C ASN B 48 -3.36 24.32 15.67
N THR B 49 -3.98 24.93 14.67
CA THR B 49 -4.34 24.23 13.42
C THR B 49 -5.66 23.47 13.47
N PRO B 50 -6.69 24.00 12.80
CA PRO B 50 -7.94 23.26 12.64
C PRO B 50 -7.72 22.06 11.72
N LEU B 51 -8.12 20.87 12.16
CA LEU B 51 -8.13 19.70 11.29
C LEU B 51 -9.47 18.98 11.41
N LYS B 52 -10.05 18.59 10.27
CA LYS B 52 -11.33 17.88 10.23
C LYS B 52 -11.22 16.40 10.67
N ASN B 53 -12.30 15.87 11.23
CA ASN B 53 -12.43 14.45 11.49
C ASN B 53 -12.70 13.76 10.17
N THR B 54 -12.44 12.45 10.11
CA THR B 54 -12.54 11.67 8.86
C THR B 54 -12.44 10.15 9.14
N SER B 55 -13.26 9.36 8.46
CA SER B 55 -13.27 7.92 8.65
C SER B 55 -12.30 7.34 7.63
N VAL B 56 -11.46 6.38 8.02
CA VAL B 56 -10.41 5.83 7.14
C VAL B 56 -10.38 4.31 7.23
N LEU B 57 -10.40 3.62 6.09
CA LEU B 57 -10.36 2.15 6.10
C LEU B 57 -8.95 1.64 5.72
N GLY B 58 -8.37 0.83 6.60
CA GLY B 58 -7.09 0.18 6.33
C GLY B 58 -7.18 -1.30 6.66
N ALA B 59 -6.07 -2.01 6.46
CA ALA B 59 -5.95 -3.40 6.85
C ALA B 59 -6.27 -3.58 8.33
N GLY B 60 -5.86 -2.63 9.16
CA GLY B 60 -6.13 -2.73 10.60
C GLY B 60 -7.59 -2.65 11.06
N GLY B 61 -8.50 -2.45 10.10
CA GLY B 61 -9.91 -2.16 10.37
C GLY B 61 -10.25 -0.70 10.01
N GLN B 62 -11.44 -0.27 10.41
CA GLN B 62 -11.95 1.09 10.19
C GLN B 62 -11.61 2.00 11.37
N THR B 63 -11.25 3.27 11.08
CA THR B 63 -10.92 4.21 12.16
C THR B 63 -11.54 5.61 12.00
N GLN B 64 -12.16 6.09 13.08
CA GLN B 64 -12.79 7.42 13.14
C GLN B 64 -11.87 8.55 13.60
N ASP B 65 -10.79 8.20 14.30
CA ASP B 65 -10.03 9.21 15.01
C ASP B 65 -8.52 9.19 14.84
N HIS B 66 -7.97 8.12 14.26
CA HIS B 66 -6.50 8.02 14.10
C HIS B 66 -6.04 9.05 13.09
N PHE B 67 -6.82 9.21 12.02
CA PHE B 67 -6.50 10.12 10.90
C PHE B 67 -7.41 11.32 10.83
N LYS B 68 -6.83 12.47 10.54
CA LYS B 68 -7.61 13.66 10.31
C LYS B 68 -7.33 14.18 8.90
N LEU B 69 -8.15 15.12 8.42
CA LEU B 69 -7.96 15.71 7.11
C LEU B 69 -7.38 17.15 7.21
N THR B 70 -6.57 17.55 6.25
CA THR B 70 -5.96 18.88 6.27
C THR B 70 -6.99 19.94 5.90
N SER B 71 -6.87 21.12 6.52
CA SER B 71 -7.69 22.28 6.13
C SER B 71 -7.17 22.95 4.85
N LEU B 72 -5.83 23.09 4.75
CA LEU B 72 -5.17 23.72 3.62
C LEU B 72 -4.34 22.74 2.78
N PRO B 73 -4.08 23.06 1.49
CA PRO B 73 -3.24 22.15 0.70
C PRO B 73 -1.85 21.99 1.31
N VAL B 74 -1.22 20.87 0.99
CA VAL B 74 0.08 20.49 1.49
C VAL B 74 0.98 20.46 0.27
N LEU B 75 2.13 21.13 0.35
CA LEU B 75 3.10 21.14 -0.74
C LEU B 75 4.19 20.11 -0.45
N ILE B 76 4.55 19.29 -1.42
CA ILE B 76 5.58 18.27 -1.22
C ILE B 76 6.67 18.43 -2.27
N ARG B 77 7.92 18.39 -1.83
CA ARG B 77 9.04 18.56 -2.74
C ARG B 77 9.87 17.27 -2.73
N LEU B 78 9.97 16.61 -3.86
CA LEU B 78 10.83 15.44 -3.97
C LEU B 78 12.25 15.84 -4.39
N PRO B 79 13.27 15.01 -4.08
CA PRO B 79 14.67 15.49 -4.28
C PRO B 79 15.05 15.79 -5.73
N PHE B 80 14.41 15.10 -6.68
CA PHE B 80 14.71 15.26 -8.11
C PHE B 80 13.98 16.41 -8.82
N ARG B 81 12.65 16.32 -8.91
CA ARG B 81 11.82 17.35 -9.56
C ARG B 81 11.77 18.68 -8.78
N THR B 82 12.10 19.77 -9.49
CA THR B 82 12.18 21.12 -8.92
C THR B 82 10.80 21.70 -8.66
N THR B 83 9.80 21.02 -9.19
CA THR B 83 8.44 21.51 -9.14
C THR B 83 7.55 20.68 -8.16
N PRO B 84 7.01 21.35 -7.12
CA PRO B 84 6.21 20.75 -6.06
C PRO B 84 4.89 20.08 -6.45
N ILE B 85 4.65 18.95 -5.82
CA ILE B 85 3.33 18.37 -5.70
C ILE B 85 2.53 19.28 -4.75
N VAL B 86 1.26 19.51 -5.08
CA VAL B 86 0.36 20.32 -4.26
C VAL B 86 -0.87 19.47 -4.12
N LEU B 87 -1.10 18.96 -2.93
CA LEU B 87 -2.23 18.08 -2.71
C LEU B 87 -3.28 18.95 -2.09
N THR B 88 -4.49 18.97 -2.67
CA THR B 88 -5.53 19.87 -2.20
C THR B 88 -5.91 19.58 -0.74
N SER B 89 -5.78 18.32 -0.37
CA SER B 89 -6.20 17.81 0.90
C SER B 89 -5.51 16.48 1.04
N CYS B 90 -5.13 16.15 2.27
CA CYS B 90 -4.54 14.84 2.52
C CYS B 90 -4.66 14.47 4.01
N LEU B 91 -4.26 13.25 4.33
CA LEU B 91 -4.57 12.69 5.63
C LEU B 91 -3.47 13.01 6.61
N VAL B 92 -3.90 13.09 7.87
CA VAL B 92 -2.97 13.39 8.96
C VAL B 92 -3.06 12.32 10.02
N ASP B 93 -1.95 11.65 10.24
CA ASP B 93 -1.91 10.54 11.16
C ASP B 93 -1.58 11.04 12.55
N THR B 94 -2.58 10.97 13.44
CA THR B 94 -2.44 11.43 14.81
C THR B 94 -1.95 10.34 15.81
N LYS B 95 -1.98 9.07 15.42
CA LYS B 95 -1.64 7.95 16.32
C LYS B 95 -0.15 7.66 16.25
N ASN B 96 0.28 7.06 15.15
CA ASN B 96 1.69 6.87 14.89
C ASN B 96 2.09 8.08 14.09
N ASN B 97 3.31 8.14 13.64
CA ASN B 97 3.56 9.29 12.79
C ASN B 97 4.07 8.79 11.47
N TRP B 98 3.15 8.17 10.74
CA TRP B 98 3.46 7.59 9.46
C TRP B 98 3.49 8.64 8.37
N ALA B 99 4.23 8.31 7.31
CA ALA B 99 4.48 9.20 6.22
C ALA B 99 4.37 8.31 5.02
N ILE B 100 3.35 8.52 4.18
CA ILE B 100 3.02 7.60 3.08
C ILE B 100 2.71 8.42 1.85
N ILE B 101 3.56 8.37 0.82
CA ILE B 101 3.21 9.01 -0.46
C ILE B 101 2.18 8.09 -1.14
N GLY B 102 1.01 8.61 -1.49
CA GLY B 102 -0.01 7.80 -2.13
C GLY B 102 -0.21 8.22 -3.58
N ARG B 103 -1.21 7.65 -4.23
CA ARG B 103 -1.34 7.85 -5.65
C ARG B 103 -1.71 9.29 -6.00
N ASP B 104 -2.29 10.04 -5.05
CA ASP B 104 -2.60 11.46 -5.30
C ASP B 104 -1.30 12.18 -5.68
N ALA B 105 -0.27 11.99 -4.84
CA ALA B 105 1.05 12.54 -5.07
C ALA B 105 1.80 11.90 -6.25
N LEU B 106 1.73 10.58 -6.35
CA LEU B 106 2.43 9.88 -7.41
C LEU B 106 1.89 10.22 -8.78
N GLN B 107 0.58 10.39 -8.92
CA GLN B 107 -0.01 10.91 -10.18
C GLN B 107 0.59 12.26 -10.62
N GLN B 108 0.68 13.20 -9.68
CA GLN B 108 1.21 14.52 -9.94
C GLN B 108 2.68 14.58 -10.32
N CYS B 109 3.47 13.55 -10.02
CA CYS B 109 4.84 13.49 -10.56
C CYS B 109 5.01 12.41 -11.62
N GLN B 110 3.86 11.95 -12.13
CA GLN B 110 3.76 10.95 -13.19
C GLN B 110 4.52 9.68 -12.85
N GLY B 111 4.27 9.15 -11.67
CA GLY B 111 4.82 7.87 -11.27
C GLY B 111 4.04 6.74 -11.93
N VAL B 112 4.74 5.68 -12.26
CA VAL B 112 4.10 4.49 -12.81
C VAL B 112 4.64 3.27 -12.11
N LEU B 113 3.80 2.25 -12.01
CA LEU B 113 4.24 0.88 -11.75
C LEU B 113 4.56 0.23 -13.08
N TYR B 114 5.76 -0.32 -13.20
CA TYR B 114 6.15 -1.04 -14.40
C TYR B 114 6.39 -2.51 -14.07
N LEU B 115 5.66 -3.39 -14.74
CA LEU B 115 5.79 -4.83 -14.58
C LEU B 115 6.24 -5.41 -15.92
N PRO B 116 7.50 -5.86 -16.01
CA PRO B 116 8.14 -6.27 -17.27
C PRO B 116 7.33 -7.25 -18.13
CBF E16 C . -7.38 3.57 1.53
NAJ E16 C . -9.62 4.54 0.99
OAK E16 C . -6.87 3.92 0.51
CBM E16 C . -8.92 3.42 1.63
CBK E16 C . -9.34 2.10 0.92
CAQ E16 C . -10.21 -0.57 -0.48
CAT E16 C . -8.90 0.16 -0.90
CAU E16 C . -11.07 0.05 0.64
CAX E16 C . -8.47 1.47 -0.21
CAY E16 C . -10.65 1.38 1.34
N E16 C . -6.55 3.26 2.69
CA E16 C . -5.12 3.36 2.52
CB E16 C . -4.56 4.55 3.36
CAG E16 C . -4.75 5.86 2.58
CG1 E16 C . -5.30 4.66 4.72
CG2 E16 C . -3.05 4.35 3.60
C E16 C . -4.50 2.01 2.95
O E16 C . -4.54 1.57 4.06
CBI E16 C . -0.81 -0.54 2.58
NBC E16 C . -3.83 1.27 1.88
OAN E16 C . -0.44 -1.57 2.16
CBN E16 C . -1.75 0.37 1.82
CBJ E16 C . -5.05 -1.49 1.95
CBA E16 C . -3.70 -1.15 1.37
CAP E16 C . -7.79 -2.17 3.11
CBO E16 C . -3.18 0.02 2.21
OAO E16 C . -1.52 0.28 0.44
CAV E16 C . -5.18 -2.68 2.88
CAW E16 C . -6.26 -0.63 1.60
CAR E16 C . -6.56 -3.03 3.46
CAS E16 C . -7.64 -0.97 2.17
CBH E16 C . -0.19 -2.30 5.12
NBR E16 C . -0.33 -0.13 3.88
OAM E16 C . -1.37 -2.28 5.11
CBQ E16 C . 0.65 -1.09 4.67
CBU E16 C . 1.20 -0.19 5.86
CAZ E16 C . -0.65 1.16 4.65
CAH E16 C . 1.68 -0.95 7.11
CAI E16 C . 2.42 0.55 5.28
SBE E16 C . -0.12 0.94 6.23
NBB E16 C . 0.49 -3.50 5.54
CBL E16 C . -0.27 -4.65 6.00
CBS E16 C . -0.86 -5.56 4.87
CAA E16 C . 0.73 -5.39 6.94
CAB E16 C . -1.54 -4.76 3.73
CAC E16 C . 0.27 -6.46 4.32
CAD E16 C . -2.03 -6.38 5.46
#